data_2P41
#
_entry.id   2P41
#
_cell.length_a   108.394
_cell.length_b   108.394
_cell.length_c   55.890
_cell.angle_alpha   90.00
_cell.angle_beta   90.00
_cell.angle_gamma   120.00
#
_symmetry.space_group_name_H-M   'P 31 2 1'
#
loop_
_entity.id
_entity.type
_entity.pdbx_description
1 polymer 'type II methyltransferase'
2 non-polymer 'SULFATE ION'
3 non-polymer "7-METHYL-GUANOSINE-5'-TRIPHOSPHATE-5'-(2'-O-METHYL)-GUANOSINE"
4 non-polymer S-ADENOSYL-L-HOMOCYSTEINE
5 non-polymer 'CITRIC ACID'
6 non-polymer GLYCEROL
7 water water
#
_entity_poly.entity_id   1
_entity_poly.type   'polypeptide(L)'
_entity_poly.pdbx_seq_one_letter_code
;MRGSHHHHHHGSNIGETLGEKWKSRLNALGKSEFQIYKKSGIQEVDRTLAKEGIKRGETDHHAVSRGSAKLRWFVERNLV
TPEGKVVDLGCGRGGWSYYCGGLKNVREVKGLTKGGPGHEEPIPMSTYGWNLVRLQSGVDVFFIPPERCDTLLCDIGESS
PNPTVEAGRTLRVLNLVENWLSNNTQFCVKVLNPYMSSVIEKMEALQRKHGGALVRNPLSRNSTHEMYWVSNASGNIVSS
VNMISRMLINRFTMRHKKATYEPDVDLGSGTRNIGIESETPNLDIIGKRIEKIKQEHETSWHYDQ
;
_entity_poly.pdbx_strand_id   A
#
# COMPACT_ATOMS: atom_id res chain seq x y z
N GLY A 15 10.99 -12.33 -20.81
CA GLY A 15 11.49 -11.04 -21.40
C GLY A 15 10.44 -9.95 -21.32
N GLU A 16 10.79 -8.68 -21.58
CA GLU A 16 12.16 -8.18 -21.81
C GLU A 16 12.88 -7.68 -20.55
N THR A 17 12.15 -7.06 -19.62
CA THR A 17 12.71 -6.78 -18.29
C THR A 17 12.61 -8.08 -17.49
N LEU A 18 13.40 -8.19 -16.43
CA LEU A 18 13.30 -9.34 -15.53
C LEU A 18 11.90 -9.46 -14.92
N GLY A 19 11.30 -8.32 -14.60
CA GLY A 19 9.96 -8.30 -14.02
C GLY A 19 8.95 -8.91 -14.98
N GLU A 20 9.13 -8.67 -16.27
CA GLU A 20 8.22 -9.24 -17.26
C GLU A 20 8.35 -10.77 -17.33
N LYS A 21 9.59 -11.26 -17.19
CA LYS A 21 9.85 -12.69 -17.13
C LYS A 21 9.16 -13.31 -15.92
N TRP A 22 9.27 -12.66 -14.76
CA TRP A 22 8.59 -13.09 -13.54
C TRP A 22 7.07 -13.15 -13.76
N LYS A 23 6.52 -12.09 -14.35
CA LYS A 23 5.07 -11.98 -14.55
C LYS A 23 4.53 -13.10 -15.45
N SER A 24 5.29 -13.41 -16.50
CA SER A 24 4.90 -14.49 -17.42
CA SER A 24 4.93 -14.49 -17.43
C SER A 24 4.91 -15.83 -16.69
N ARG A 25 5.94 -16.08 -15.90
N ARG A 25 5.93 -16.08 -15.89
CA ARG A 25 6.06 -17.32 -15.12
CA ARG A 25 6.05 -17.31 -15.12
C ARG A 25 4.92 -17.42 -14.10
C ARG A 25 4.91 -17.41 -14.10
N LEU A 26 4.61 -16.29 -13.46
CA LEU A 26 3.48 -16.17 -12.54
C LEU A 26 2.17 -16.56 -13.25
N ASN A 27 1.91 -15.94 -14.41
CA ASN A 27 0.69 -16.25 -15.17
C ASN A 27 0.57 -17.71 -15.62
N ALA A 28 1.70 -18.39 -15.81
CA ALA A 28 1.71 -19.77 -16.27
C ALA A 28 1.49 -20.81 -15.15
N LEU A 29 1.52 -20.39 -13.89
CA LEU A 29 1.35 -21.33 -12.77
C LEU A 29 -0.05 -21.96 -12.75
N GLY A 30 -0.13 -23.23 -12.32
CA GLY A 30 -1.41 -23.89 -12.09
C GLY A 30 -2.08 -23.27 -10.87
N LYS A 31 -3.35 -23.58 -10.66
CA LYS A 31 -4.10 -22.93 -9.57
C LYS A 31 -3.50 -23.18 -8.20
N SER A 32 -3.24 -24.45 -7.90
CA SER A 32 -2.73 -24.84 -6.60
C SER A 32 -1.32 -24.29 -6.40
N GLU A 33 -0.52 -24.36 -7.46
CA GLU A 33 0.85 -23.85 -7.47
C GLU A 33 0.91 -22.34 -7.21
N PHE A 34 -0.02 -21.60 -7.83
CA PHE A 34 -0.11 -20.15 -7.63
C PHE A 34 -0.42 -19.80 -6.17
N GLN A 35 -1.41 -20.49 -5.59
CA GLN A 35 -1.80 -20.19 -4.20
C GLN A 35 -0.67 -20.47 -3.22
N ILE A 36 0.07 -21.56 -3.46
CA ILE A 36 1.24 -21.87 -2.65
C ILE A 36 2.31 -20.79 -2.85
N TYR A 37 2.61 -20.47 -4.11
CA TYR A 37 3.61 -19.44 -4.42
C TYR A 37 3.31 -18.09 -3.74
N LYS A 38 2.07 -17.65 -3.85
CA LYS A 38 1.61 -16.36 -3.35
C LYS A 38 2.04 -16.05 -1.90
N LYS A 39 2.05 -17.09 -1.07
CA LYS A 39 2.36 -16.93 0.37
C LYS A 39 3.73 -17.46 0.79
N SER A 40 4.52 -17.98 -0.14
CA SER A 40 5.79 -18.62 0.21
C SER A 40 6.83 -17.62 0.78
N GLY A 41 7.17 -17.80 2.06
CA GLY A 41 8.24 -17.03 2.69
C GLY A 41 7.91 -15.56 2.92
N ILE A 42 6.62 -15.23 2.91
CA ILE A 42 6.17 -13.86 3.16
C ILE A 42 5.87 -13.67 4.64
N GLN A 43 5.59 -12.42 5.02
CA GLN A 43 5.02 -12.07 6.32
C GLN A 43 3.51 -11.93 6.23
N GLU A 44 2.82 -12.31 7.30
CA GLU A 44 1.36 -12.16 7.39
C GLU A 44 1.02 -11.61 8.77
N VAL A 45 -0.13 -10.96 8.88
CA VAL A 45 -0.64 -10.45 10.13
C VAL A 45 -1.68 -11.43 10.68
N ASP A 46 -1.63 -11.67 11.99
CA ASP A 46 -2.59 -12.55 12.64
C ASP A 46 -3.88 -11.76 12.86
N ARG A 47 -4.87 -11.97 11.99
CA ARG A 47 -6.05 -11.13 11.91
C ARG A 47 -7.33 -11.71 12.50
N THR A 48 -7.28 -12.96 12.93
CA THR A 48 -8.50 -13.69 13.24
C THR A 48 -9.36 -12.99 14.29
N LEU A 49 -8.78 -12.71 15.46
CA LEU A 49 -9.54 -12.13 16.56
C LEU A 49 -10.02 -10.71 16.26
N ALA A 50 -9.20 -9.93 15.54
CA ALA A 50 -9.62 -8.57 15.14
C ALA A 50 -10.84 -8.60 14.21
N LYS A 51 -10.78 -9.49 13.22
CA LYS A 51 -11.89 -9.65 12.28
C LYS A 51 -13.18 -10.10 12.99
N GLU A 52 -13.03 -11.05 13.92
CA GLU A 52 -14.18 -11.55 14.68
C GLU A 52 -14.78 -10.46 15.54
N GLY A 53 -13.92 -9.64 16.15
CA GLY A 53 -14.38 -8.53 16.99
C GLY A 53 -15.15 -7.47 16.20
N ILE A 54 -14.61 -7.11 15.04
CA ILE A 54 -15.29 -6.15 14.18
C ILE A 54 -16.66 -6.67 13.74
N LYS A 55 -16.72 -7.94 13.37
N LYS A 55 -16.75 -7.95 13.39
CA LYS A 55 -17.98 -8.57 12.96
CA LYS A 55 -18.02 -8.52 12.92
C LYS A 55 -19.03 -8.40 14.05
C LYS A 55 -19.06 -8.64 14.05
N ARG A 56 -18.59 -8.53 15.30
CA ARG A 56 -19.48 -8.45 16.48
C ARG A 56 -19.87 -7.00 16.82
N GLY A 57 -19.33 -6.03 16.06
CA GLY A 57 -19.63 -4.61 16.25
C GLY A 57 -18.69 -3.86 17.20
N GLU A 58 -17.55 -4.48 17.52
CA GLU A 58 -16.51 -3.86 18.36
C GLU A 58 -15.77 -2.79 17.60
N THR A 59 -15.66 -1.60 18.18
CA THR A 59 -15.06 -0.47 17.45
C THR A 59 -13.73 0.01 18.05
N ASP A 60 -13.44 -0.42 19.30
CA ASP A 60 -12.14 -0.12 19.94
C ASP A 60 -11.08 -1.10 19.48
N HIS A 61 -9.82 -0.66 19.52
CA HIS A 61 -8.62 -1.50 19.31
C HIS A 61 -8.33 -2.02 17.90
N HIS A 62 -9.34 -2.59 17.26
CA HIS A 62 -9.11 -3.39 16.04
C HIS A 62 -8.73 -2.54 14.83
N ALA A 63 -7.78 -3.02 14.04
CA ALA A 63 -7.54 -2.50 12.70
C ALA A 63 -8.65 -3.02 11.79
N VAL A 64 -9.14 -2.16 10.91
CA VAL A 64 -10.25 -2.51 10.01
C VAL A 64 -9.81 -3.43 8.87
N SER A 65 -8.50 -3.44 8.60
CA SER A 65 -7.92 -4.27 7.52
C SER A 65 -6.49 -4.64 7.90
N ARG A 66 -5.89 -5.56 7.15
CA ARG A 66 -4.46 -5.84 7.33
C ARG A 66 -3.58 -4.68 6.84
N GLY A 67 -4.23 -3.68 6.23
CA GLY A 67 -3.56 -2.46 5.76
C GLY A 67 -2.90 -1.64 6.90
N SER A 68 -3.51 -1.62 8.10
CA SER A 68 -2.93 -0.88 9.24
C SER A 68 -1.52 -1.39 9.53
N ALA A 69 -1.38 -2.71 9.61
CA ALA A 69 -0.05 -3.31 9.83
C ALA A 69 0.92 -3.03 8.67
N LYS A 70 0.39 -3.02 7.44
CA LYS A 70 1.21 -2.76 6.26
C LYS A 70 1.82 -1.37 6.33
N LEU A 71 0.99 -0.37 6.67
CA LEU A 71 1.52 0.97 6.83
C LEU A 71 2.42 1.10 8.06
N ARG A 72 2.04 0.44 9.16
CA ARG A 72 2.89 0.44 10.35
C ARG A 72 4.33 0.01 10.03
N TRP A 73 4.50 -0.98 9.15
CA TRP A 73 5.85 -1.43 8.80
C TRP A 73 6.70 -0.24 8.25
N PHE A 74 6.11 0.57 7.38
CA PHE A 74 6.83 1.74 6.84
C PHE A 74 7.09 2.78 7.93
N VAL A 75 6.06 3.07 8.71
CA VAL A 75 6.14 4.14 9.71
C VAL A 75 7.13 3.82 10.83
N GLU A 76 7.12 2.57 11.34
CA GLU A 76 8.01 2.20 12.45
CA GLU A 76 8.01 2.22 12.45
C GLU A 76 9.49 2.27 12.07
N ARG A 77 9.77 2.18 10.77
CA ARG A 77 11.12 2.30 10.21
C ARG A 77 11.44 3.72 9.72
N ASN A 78 10.55 4.68 10.01
CA ASN A 78 10.67 6.08 9.58
C ASN A 78 10.84 6.28 8.08
N LEU A 79 10.29 5.38 7.29
CA LEU A 79 10.33 5.52 5.81
C LEU A 79 9.33 6.58 5.34
N VAL A 80 8.26 6.74 6.12
CA VAL A 80 7.30 7.84 5.99
C VAL A 80 6.92 8.22 7.42
N THR A 81 6.76 9.52 7.69
CA THR A 81 6.46 9.96 9.04
C THR A 81 5.22 10.87 8.99
N PRO A 82 4.03 10.25 9.06
CA PRO A 82 2.80 11.02 8.92
C PRO A 82 2.69 12.12 9.97
N GLU A 83 2.21 13.28 9.52
CA GLU A 83 2.15 14.49 10.33
C GLU A 83 1.18 15.49 9.71
N GLY A 84 0.68 16.38 10.55
CA GLY A 84 -0.18 17.48 10.11
C GLY A 84 -1.45 16.98 9.48
N LYS A 85 -1.82 17.58 8.36
CA LYS A 85 -2.96 17.11 7.57
C LYS A 85 -2.57 15.98 6.64
N VAL A 86 -3.17 14.80 6.86
CA VAL A 86 -2.91 13.59 6.07
C VAL A 86 -4.08 13.32 5.13
N VAL A 87 -3.78 13.12 3.85
CA VAL A 87 -4.79 12.74 2.88
C VAL A 87 -4.47 11.31 2.45
N ASP A 88 -5.48 10.44 2.50
CA ASP A 88 -5.32 9.03 2.21
C ASP A 88 -6.18 8.69 1.00
N LEU A 89 -5.54 8.61 -0.17
CA LEU A 89 -6.25 8.38 -1.43
C LEU A 89 -6.45 6.88 -1.64
N GLY A 90 -7.70 6.46 -1.80
CA GLY A 90 -8.06 5.04 -1.92
C GLY A 90 -8.07 4.37 -0.54
N CYS A 91 -8.82 4.97 0.40
CA CYS A 91 -8.70 4.55 1.80
C CYS A 91 -9.36 3.21 2.09
N GLY A 92 -10.29 2.80 1.25
CA GLY A 92 -11.06 1.54 1.48
C GLY A 92 -11.75 1.59 2.83
N ARG A 93 -11.57 0.52 3.61
CA ARG A 93 -12.21 0.47 4.93
C ARG A 93 -11.65 1.51 5.89
N GLY A 94 -10.41 1.94 5.64
CA GLY A 94 -9.77 3.00 6.44
C GLY A 94 -8.51 2.59 7.19
N GLY A 95 -7.90 1.46 6.82
CA GLY A 95 -6.80 0.90 7.63
C GLY A 95 -5.63 1.87 7.79
N TRP A 96 -5.27 2.56 6.70
CA TRP A 96 -4.16 3.52 6.80
C TRP A 96 -4.60 4.76 7.57
N SER A 97 -5.82 5.21 7.29
CA SER A 97 -6.37 6.42 7.92
C SER A 97 -6.48 6.28 9.43
N TYR A 98 -7.08 5.19 9.90
CA TYR A 98 -7.19 4.99 11.36
C TYR A 98 -5.85 4.83 12.05
N TYR A 99 -4.90 4.18 11.38
CA TYR A 99 -3.55 4.06 11.93
C TYR A 99 -2.94 5.45 12.14
N CYS A 100 -3.03 6.30 11.11
CA CYS A 100 -2.48 7.65 11.23
C CYS A 100 -3.18 8.50 12.28
N GLY A 101 -4.48 8.22 12.49
CA GLY A 101 -5.29 8.97 13.47
C GLY A 101 -4.68 8.95 14.87
N GLY A 102 -3.92 7.89 15.16
CA GLY A 102 -3.31 7.74 16.47
C GLY A 102 -1.88 8.23 16.60
N LEU A 103 -1.28 8.70 15.51
CA LEU A 103 0.13 9.08 15.52
C LEU A 103 0.34 10.48 16.08
N LYS A 104 1.40 10.61 16.88
CA LYS A 104 1.62 11.80 17.66
C LYS A 104 1.49 13.11 16.88
N ASN A 105 2.15 13.21 15.74
CA ASN A 105 2.22 14.53 15.08
C ASN A 105 1.15 14.76 14.02
N VAL A 106 0.24 13.81 13.90
CA VAL A 106 -0.89 13.95 12.97
C VAL A 106 -1.99 14.81 13.59
N ARG A 107 -2.57 15.71 12.79
CA ARG A 107 -3.62 16.63 13.24
C ARG A 107 -5.00 16.31 12.66
N GLU A 108 -5.02 15.78 11.43
CA GLU A 108 -6.26 15.58 10.65
C GLU A 108 -5.99 14.52 9.59
N VAL A 109 -6.94 13.61 9.38
CA VAL A 109 -6.82 12.60 8.32
C VAL A 109 -8.09 12.64 7.46
N LYS A 110 -7.92 12.82 6.15
CA LYS A 110 -9.06 12.72 5.28
CA LYS A 110 -9.04 12.76 5.24
C LYS A 110 -8.81 11.59 4.33
N GLY A 111 -9.68 10.58 4.44
CA GLY A 111 -9.59 9.38 3.57
C GLY A 111 -10.70 9.36 2.53
N LEU A 112 -10.36 9.02 1.29
CA LEU A 112 -11.33 9.11 0.19
C LEU A 112 -11.29 7.82 -0.59
N THR A 113 -12.46 7.28 -0.95
CA THR A 113 -12.45 5.95 -1.59
C THR A 113 -13.69 5.74 -2.45
N LYS A 114 -13.60 4.83 -3.42
CA LYS A 114 -14.76 4.50 -4.28
C LYS A 114 -15.97 4.00 -3.53
N GLY A 115 -15.76 3.00 -2.66
CA GLY A 115 -16.88 2.26 -2.07
C GLY A 115 -17.91 1.83 -3.13
N GLY A 116 -19.16 1.74 -2.71
CA GLY A 116 -20.25 1.29 -3.59
C GLY A 116 -20.12 -0.18 -3.94
N PRO A 117 -21.03 -0.68 -4.80
CA PRO A 117 -20.99 -2.10 -5.15
C PRO A 117 -19.60 -2.53 -5.64
N GLY A 118 -19.07 -3.60 -5.07
CA GLY A 118 -17.81 -4.13 -5.57
C GLY A 118 -16.56 -3.62 -4.89
N HIS A 119 -16.69 -2.63 -4.01
CA HIS A 119 -15.53 -2.07 -3.32
C HIS A 119 -15.77 -1.81 -1.84
N GLU A 120 -14.69 -1.88 -1.06
CA GLU A 120 -14.78 -1.73 0.38
C GLU A 120 -15.28 -0.36 0.79
N GLU A 121 -16.25 -0.37 1.69
CA GLU A 121 -16.78 0.83 2.32
C GLU A 121 -15.97 1.16 3.56
N PRO A 122 -15.77 2.46 3.82
CA PRO A 122 -15.23 2.87 5.12
C PRO A 122 -16.06 2.29 6.27
N ILE A 123 -15.37 1.87 7.32
CA ILE A 123 -16.00 1.29 8.51
C ILE A 123 -15.80 2.29 9.67
N PRO A 124 -16.90 2.69 10.36
CA PRO A 124 -16.74 3.59 11.50
C PRO A 124 -16.06 2.86 12.66
N MET A 125 -15.06 3.49 13.25
CA MET A 125 -14.37 2.91 14.42
C MET A 125 -14.16 3.95 15.53
N SER A 126 -13.78 3.46 16.69
CA SER A 126 -13.53 4.32 17.85
C SER A 126 -12.10 4.11 18.36
N THR A 127 -11.21 3.70 17.45
CA THR A 127 -9.76 3.58 17.74
C THR A 127 -9.15 4.94 18.08
N TYR A 128 -7.98 4.95 18.73
CA TYR A 128 -7.41 6.21 19.23
C TYR A 128 -7.27 7.23 18.12
N GLY A 129 -7.82 8.42 18.35
CA GLY A 129 -7.76 9.51 17.38
C GLY A 129 -8.79 9.44 16.28
N TRP A 130 -9.80 8.59 16.43
CA TRP A 130 -10.85 8.44 15.41
C TRP A 130 -11.55 9.75 15.06
N ASN A 131 -11.64 10.67 16.03
CA ASN A 131 -12.33 11.93 15.81
C ASN A 131 -11.56 12.85 14.87
N LEU A 132 -10.28 12.55 14.66
CA LEU A 132 -9.41 13.27 13.72
C LEU A 132 -9.57 12.74 12.28
N VAL A 133 -10.25 11.62 12.14
CA VAL A 133 -10.33 10.89 10.87
C VAL A 133 -11.70 11.11 10.24
N ARG A 134 -11.74 11.57 8.98
CA ARG A 134 -12.99 11.63 8.23
C ARG A 134 -12.83 10.85 6.94
N LEU A 135 -13.69 9.87 6.74
CA LEU A 135 -13.62 8.99 5.57
C LEU A 135 -14.82 9.24 4.70
N GLN A 136 -14.58 9.34 3.40
CA GLN A 136 -15.65 9.59 2.45
CA GLN A 136 -15.64 9.60 2.43
C GLN A 136 -15.66 8.54 1.35
N SER A 137 -16.84 7.97 1.13
CA SER A 137 -17.07 6.95 0.11
C SER A 137 -17.71 7.60 -1.10
N GLY A 138 -17.76 6.85 -2.21
CA GLY A 138 -18.38 7.34 -3.45
C GLY A 138 -17.55 8.38 -4.19
N VAL A 139 -16.26 8.42 -3.90
CA VAL A 139 -15.34 9.40 -4.47
C VAL A 139 -14.43 8.74 -5.50
N ASP A 140 -14.29 9.37 -6.67
CA ASP A 140 -13.23 9.02 -7.61
C ASP A 140 -12.09 10.04 -7.45
N VAL A 141 -10.99 9.61 -6.85
CA VAL A 141 -9.92 10.55 -6.51
C VAL A 141 -9.26 11.20 -7.74
N PHE A 142 -9.42 10.60 -8.92
CA PHE A 142 -8.88 11.21 -10.15
C PHE A 142 -9.62 12.47 -10.58
N PHE A 143 -10.83 12.66 -10.05
CA PHE A 143 -11.71 13.78 -10.42
CA PHE A 143 -11.65 13.82 -10.43
C PHE A 143 -11.69 14.93 -9.42
N ILE A 144 -11.25 14.68 -8.22
CA ILE A 144 -11.34 15.73 -7.21
C ILE A 144 -10.13 16.70 -7.27
N PRO A 145 -10.35 17.99 -7.01
CA PRO A 145 -9.25 18.97 -6.96
C PRO A 145 -8.24 18.61 -5.87
N PRO A 146 -6.94 18.63 -6.19
CA PRO A 146 -5.97 18.46 -5.10
C PRO A 146 -6.13 19.51 -4.00
N GLU A 147 -5.79 19.12 -2.78
CA GLU A 147 -5.86 19.95 -1.59
C GLU A 147 -4.49 19.99 -0.95
N ARG A 148 -4.17 21.09 -0.28
CA ARG A 148 -2.96 21.21 0.52
C ARG A 148 -2.91 20.12 1.59
N CYS A 149 -1.77 19.47 1.72
CA CYS A 149 -1.60 18.46 2.77
C CYS A 149 -0.13 18.34 3.16
N ASP A 150 0.11 17.86 4.37
CA ASP A 150 1.47 17.65 4.88
C ASP A 150 1.97 16.23 4.62
N THR A 151 1.02 15.30 4.53
CA THR A 151 1.30 13.89 4.21
C THR A 151 0.32 13.43 3.16
N LEU A 152 0.85 12.77 2.13
CA LEU A 152 0.01 12.23 1.06
C LEU A 152 0.20 10.72 0.92
N LEU A 153 -0.86 9.98 1.22
CA LEU A 153 -0.84 8.53 1.13
C LEU A 153 -1.72 8.08 -0.02
N CYS A 154 -1.29 7.03 -0.70
CA CYS A 154 -2.09 6.50 -1.80
C CYS A 154 -1.84 5.00 -1.92
N ASP A 155 -2.90 4.21 -1.83
CA ASP A 155 -2.75 2.75 -1.91
C ASP A 155 -3.62 2.19 -3.06
N ILE A 156 -3.54 2.81 -4.23
CA ILE A 156 -4.41 2.46 -5.36
C ILE A 156 -3.56 1.72 -6.40
N GLY A 157 -4.13 0.68 -7.00
CA GLY A 157 -3.51 0.09 -8.20
C GLY A 157 -4.14 -1.26 -8.44
N GLU A 158 -4.94 -1.35 -9.51
CA GLU A 158 -5.65 -2.59 -9.84
C GLU A 158 -4.76 -3.48 -10.70
N SER A 159 -4.43 -4.66 -10.20
CA SER A 159 -3.62 -5.62 -10.97
CA SER A 159 -3.63 -5.62 -10.96
C SER A 159 -4.30 -6.02 -12.28
N SER A 160 -3.49 -6.48 -13.23
CA SER A 160 -3.93 -7.06 -14.49
C SER A 160 -2.95 -8.20 -14.79
N PRO A 161 -3.44 -9.28 -15.42
CA PRO A 161 -2.52 -10.29 -15.98
C PRO A 161 -1.54 -9.70 -16.99
N ASN A 162 -1.89 -8.55 -17.57
CA ASN A 162 -1.07 -7.94 -18.60
C ASN A 162 -0.29 -6.77 -17.97
N PRO A 163 1.05 -6.88 -17.94
CA PRO A 163 1.84 -5.81 -17.24
C PRO A 163 1.78 -4.46 -17.97
N THR A 164 1.47 -4.47 -19.27
CA THR A 164 1.29 -3.22 -20.01
C THR A 164 0.06 -2.47 -19.48
N VAL A 165 -1.02 -3.22 -19.25
CA VAL A 165 -2.22 -2.65 -18.61
C VAL A 165 -1.86 -2.10 -17.23
N GLU A 166 -1.09 -2.88 -16.45
CA GLU A 166 -0.68 -2.38 -15.14
C GLU A 166 0.15 -1.10 -15.25
N ALA A 167 1.02 -1.04 -16.26
CA ALA A 167 1.83 0.16 -16.47
C ALA A 167 0.93 1.39 -16.69
N GLY A 168 -0.10 1.25 -17.52
CA GLY A 168 -1.00 2.39 -17.81
C GLY A 168 -1.66 2.86 -16.50
N ARG A 169 -2.15 1.90 -15.73
CA ARG A 169 -2.75 2.19 -14.41
C ARG A 169 -1.77 2.83 -13.45
N THR A 170 -0.57 2.28 -13.37
CA THR A 170 0.47 2.81 -12.45
C THR A 170 0.83 4.25 -12.83
N LEU A 171 1.00 4.50 -14.10
CA LEU A 171 1.32 5.85 -14.56
C LEU A 171 0.22 6.86 -14.18
N ARG A 172 -1.05 6.44 -14.27
CA ARG A 172 -2.14 7.33 -13.86
C ARG A 172 -2.05 7.67 -12.37
N VAL A 173 -1.75 6.67 -11.55
CA VAL A 173 -1.55 6.90 -10.10
C VAL A 173 -0.40 7.87 -9.88
N LEU A 174 0.72 7.67 -10.56
CA LEU A 174 1.88 8.53 -10.39
C LEU A 174 1.61 9.97 -10.80
N ASN A 175 0.94 10.15 -11.93
CA ASN A 175 0.54 11.51 -12.32
C ASN A 175 -0.45 12.16 -11.35
N LEU A 176 -1.35 11.36 -10.79
CA LEU A 176 -2.29 11.81 -9.77
C LEU A 176 -1.54 12.33 -8.53
N VAL A 177 -0.69 11.50 -7.96
CA VAL A 177 -0.04 11.87 -6.70
C VAL A 177 0.87 13.09 -6.91
N GLU A 178 1.50 13.20 -8.09
CA GLU A 178 2.31 14.36 -8.45
C GLU A 178 1.52 15.67 -8.24
N ASN A 179 0.24 15.62 -8.60
CA ASN A 179 -0.66 16.77 -8.42
C ASN A 179 -0.90 17.18 -6.98
N TRP A 180 -0.72 16.24 -6.05
CA TRP A 180 -1.00 16.48 -4.63
C TRP A 180 0.24 16.80 -3.81
N LEU A 181 1.43 16.58 -4.38
CA LEU A 181 2.67 16.82 -3.64
C LEU A 181 3.17 18.25 -3.71
N SER A 182 3.69 18.72 -2.57
CA SER A 182 4.37 20.01 -2.46
C SER A 182 5.85 19.76 -2.15
N ASN A 183 6.58 20.82 -1.85
CA ASN A 183 8.01 20.76 -1.57
C ASN A 183 8.43 19.73 -0.51
N ASN A 184 7.80 19.77 0.66
CA ASN A 184 8.24 18.96 1.79
C ASN A 184 7.20 17.96 2.28
N THR A 185 6.40 17.44 1.35
CA THR A 185 5.33 16.55 1.71
C THR A 185 5.88 15.18 2.08
N GLN A 186 5.43 14.61 3.21
CA GLN A 186 5.68 13.19 3.52
C GLN A 186 4.76 12.36 2.61
N PHE A 187 5.25 11.22 2.11
CA PHE A 187 4.41 10.41 1.23
C PHE A 187 4.70 8.92 1.28
N CYS A 188 3.68 8.14 0.95
CA CYS A 188 3.81 6.69 0.84
C CYS A 188 2.79 6.30 -0.21
N VAL A 189 3.28 5.85 -1.37
CA VAL A 189 2.44 5.68 -2.56
C VAL A 189 2.69 4.30 -3.17
N LYS A 190 1.62 3.52 -3.32
CA LYS A 190 1.76 2.23 -3.97
C LYS A 190 2.12 2.42 -5.42
N VAL A 191 3.13 1.67 -5.87
CA VAL A 191 3.51 1.65 -7.28
C VAL A 191 3.24 0.22 -7.72
N LEU A 192 2.06 0.01 -8.29
CA LEU A 192 1.55 -1.32 -8.59
C LEU A 192 2.54 -2.13 -9.43
N ASN A 193 2.99 -1.55 -10.54
CA ASN A 193 3.96 -2.23 -11.39
C ASN A 193 5.16 -1.31 -11.59
N PRO A 194 6.24 -1.52 -10.81
CA PRO A 194 7.42 -0.66 -10.90
C PRO A 194 8.48 -1.08 -11.94
N TYR A 195 8.28 -2.21 -12.63
CA TYR A 195 9.30 -2.76 -13.53
C TYR A 195 9.13 -2.41 -15.00
N MET A 196 7.93 -2.00 -15.40
CA MET A 196 7.76 -1.68 -16.83
C MET A 196 8.52 -0.39 -17.14
N SER A 197 9.18 -0.38 -18.29
CA SER A 197 10.04 0.73 -18.72
C SER A 197 9.43 2.11 -18.54
N SER A 198 8.16 2.26 -18.89
CA SER A 198 7.47 3.56 -18.79
C SER A 198 7.37 4.02 -17.32
N VAL A 199 7.19 3.07 -16.40
CA VAL A 199 7.03 3.39 -14.99
C VAL A 199 8.41 3.70 -14.40
N ILE A 200 9.43 2.96 -14.82
CA ILE A 200 10.81 3.29 -14.42
C ILE A 200 11.16 4.72 -14.78
N GLU A 201 10.83 5.11 -16.01
CA GLU A 201 11.13 6.45 -16.52
C GLU A 201 10.42 7.51 -15.68
N LYS A 202 9.13 7.29 -15.41
CA LYS A 202 8.36 8.23 -14.60
C LYS A 202 8.88 8.33 -13.16
N MET A 203 9.21 7.19 -12.56
CA MET A 203 9.73 7.16 -11.18
C MET A 203 11.08 7.86 -11.08
N GLU A 204 11.92 7.72 -12.11
CA GLU A 204 13.20 8.42 -12.10
C GLU A 204 12.97 9.94 -12.07
N ALA A 205 12.02 10.41 -12.87
CA ALA A 205 11.70 11.84 -12.94
C ALA A 205 11.11 12.32 -11.61
N LEU A 206 10.17 11.56 -11.06
CA LEU A 206 9.55 11.88 -9.79
C LEU A 206 10.55 11.91 -8.65
N GLN A 207 11.46 10.93 -8.62
CA GLN A 207 12.52 10.90 -7.61
C GLN A 207 13.45 12.12 -7.75
N ARG A 208 13.79 12.50 -8.97
CA ARG A 208 14.58 13.73 -9.16
C ARG A 208 13.89 14.95 -8.54
N LYS A 209 12.56 14.97 -8.63
CA LYS A 209 11.78 16.13 -8.20
C LYS A 209 11.45 16.13 -6.71
N HIS A 210 11.11 14.97 -6.18
CA HIS A 210 10.57 14.84 -4.83
C HIS A 210 11.36 13.92 -3.91
N GLY A 211 12.44 13.32 -4.42
CA GLY A 211 13.28 12.41 -3.62
C GLY A 211 12.56 11.12 -3.30
N GLY A 212 12.86 10.53 -2.14
CA GLY A 212 12.29 9.23 -1.78
C GLY A 212 12.89 8.11 -2.60
N ALA A 213 12.31 6.92 -2.47
CA ALA A 213 12.76 5.73 -3.17
C ALA A 213 11.67 4.67 -3.12
N LEU A 214 11.87 3.61 -3.88
CA LEU A 214 10.92 2.49 -3.90
C LEU A 214 11.39 1.44 -2.92
N VAL A 215 10.46 0.99 -2.08
CA VAL A 215 10.76 -0.01 -1.02
C VAL A 215 9.71 -1.13 -1.07
N ARG A 216 10.21 -2.37 -0.94
CA ARG A 216 9.35 -3.56 -0.90
C ARG A 216 8.99 -3.88 0.56
N ASN A 217 7.68 -4.06 0.80
CA ASN A 217 7.16 -4.34 2.13
C ASN A 217 7.08 -5.87 2.24
N PRO A 218 7.60 -6.46 3.34
CA PRO A 218 7.58 -7.92 3.51
C PRO A 218 6.17 -8.51 3.63
N LEU A 219 5.18 -7.67 3.93
CA LEU A 219 3.77 -8.09 4.00
C LEU A 219 3.11 -8.14 2.63
N SER A 220 3.79 -7.64 1.60
CA SER A 220 3.27 -7.85 0.25
C SER A 220 3.30 -9.34 -0.15
N ARG A 221 2.30 -9.77 -0.89
CA ARG A 221 2.26 -11.15 -1.37
C ARG A 221 3.16 -11.33 -2.59
N ASN A 222 3.61 -12.57 -2.85
CA ASN A 222 4.50 -12.83 -3.99
C ASN A 222 3.83 -12.67 -5.34
N SER A 223 2.50 -12.59 -5.33
CA SER A 223 1.73 -12.49 -6.58
C SER A 223 1.69 -11.07 -7.15
N THR A 224 2.27 -10.11 -6.44
CA THR A 224 2.36 -8.74 -6.92
C THR A 224 3.79 -8.25 -6.80
N HIS A 225 4.21 -7.37 -7.72
CA HIS A 225 5.56 -6.81 -7.69
C HIS A 225 5.47 -5.38 -7.10
N GLU A 226 4.35 -5.08 -6.43
CA GLU A 226 4.17 -3.73 -5.88
C GLU A 226 5.35 -3.30 -5.00
N MET A 227 5.75 -2.05 -5.16
CA MET A 227 6.71 -1.41 -4.25
C MET A 227 6.12 -0.07 -3.90
N TYR A 228 6.54 0.48 -2.76
CA TYR A 228 5.98 1.75 -2.32
C TYR A 228 6.98 2.86 -2.45
N TRP A 229 6.55 3.96 -3.08
CA TRP A 229 7.39 5.16 -3.12
C TRP A 229 7.22 5.88 -1.79
N VAL A 230 8.28 5.90 -0.97
CA VAL A 230 8.24 6.46 0.38
C VAL A 230 9.23 7.60 0.45
N SER A 231 8.88 8.66 1.17
CA SER A 231 9.62 9.92 1.12
C SER A 231 11.00 9.87 1.78
N ASN A 232 11.15 9.06 2.84
CA ASN A 232 12.38 9.12 3.64
C ASN A 232 13.33 7.97 3.35
N ALA A 233 13.60 7.79 2.06
CA ALA A 233 14.42 6.68 1.58
C ALA A 233 15.21 7.16 0.38
N SER A 234 16.32 6.48 0.08
CA SER A 234 17.09 6.76 -1.11
C SER A 234 17.43 5.44 -1.77
N GLY A 235 17.90 5.52 -3.00
CA GLY A 235 18.31 4.32 -3.72
C GLY A 235 17.88 4.43 -5.16
N ASN A 236 18.79 4.02 -6.03
CA ASN A 236 18.59 3.93 -7.49
C ASN A 236 17.33 3.15 -7.80
N ILE A 237 16.49 3.71 -8.67
CA ILE A 237 15.20 3.10 -9.05
C ILE A 237 15.41 1.72 -9.67
N VAL A 238 16.19 1.67 -10.74
CA VAL A 238 16.39 0.42 -11.49
C VAL A 238 16.89 -0.72 -10.60
N SER A 239 17.95 -0.43 -9.83
CA SER A 239 18.54 -1.42 -8.94
CA SER A 239 18.54 -1.41 -8.92
C SER A 239 17.51 -1.92 -7.92
N SER A 240 16.77 -0.98 -7.29
CA SER A 240 15.80 -1.37 -6.28
C SER A 240 14.74 -2.30 -6.85
N VAL A 241 14.30 -2.03 -8.09
CA VAL A 241 13.27 -2.84 -8.73
C VAL A 241 13.81 -4.21 -9.15
N ASN A 242 14.97 -4.22 -9.78
CA ASN A 242 15.57 -5.48 -10.23
C ASN A 242 15.85 -6.44 -9.06
N MET A 243 16.22 -5.89 -7.90
CA MET A 243 16.46 -6.74 -6.72
C MET A 243 15.21 -7.50 -6.32
N ILE A 244 14.06 -6.84 -6.44
CA ILE A 244 12.79 -7.46 -6.11
C ILE A 244 12.37 -8.44 -7.19
N SER A 245 12.63 -8.10 -8.46
CA SER A 245 12.36 -9.08 -9.56
C SER A 245 13.10 -10.38 -9.28
N ARG A 246 14.39 -10.27 -8.94
CA ARG A 246 15.20 -11.45 -8.66
CA ARG A 246 15.24 -11.43 -8.61
C ARG A 246 14.67 -12.22 -7.43
N MET A 247 14.31 -11.50 -6.37
CA MET A 247 13.71 -12.13 -5.18
C MET A 247 12.46 -12.92 -5.54
N LEU A 248 11.55 -12.31 -6.29
CA LEU A 248 10.30 -12.99 -6.62
C LEU A 248 10.53 -14.22 -7.51
N ILE A 249 11.52 -14.14 -8.39
CA ILE A 249 11.90 -15.29 -9.21
C ILE A 249 12.50 -16.39 -8.34
N ASN A 250 13.40 -15.99 -7.42
CA ASN A 250 13.98 -16.95 -6.48
C ASN A 250 12.89 -17.69 -5.68
N ARG A 251 11.82 -16.99 -5.34
CA ARG A 251 10.76 -17.57 -4.53
C ARG A 251 9.92 -18.63 -5.26
N PHE A 252 10.00 -18.67 -6.59
CA PHE A 252 9.30 -19.75 -7.33
C PHE A 252 9.88 -21.10 -6.91
N THR A 253 11.18 -21.11 -6.62
CA THR A 253 11.95 -22.35 -6.38
C THR A 253 11.67 -22.94 -4.99
N MET A 254 11.13 -22.15 -4.09
CA MET A 254 10.75 -22.65 -2.78
C MET A 254 9.72 -23.75 -2.89
N ARG A 255 9.91 -24.76 -2.04
CA ARG A 255 9.01 -25.90 -1.97
C ARG A 255 8.57 -26.08 -0.51
N HIS A 256 7.26 -26.31 -0.32
CA HIS A 256 6.76 -26.67 1.02
CA HIS A 256 6.70 -26.64 1.00
C HIS A 256 6.91 -25.50 1.99
N LYS A 257 6.99 -24.27 1.46
CA LYS A 257 7.14 -23.05 2.25
C LYS A 257 5.83 -22.29 2.33
N LYS A 258 5.71 -21.48 3.38
CA LYS A 258 4.49 -20.76 3.71
C LYS A 258 4.90 -19.47 4.43
N ALA A 259 3.92 -18.75 4.98
CA ALA A 259 4.12 -17.44 5.62
C ALA A 259 4.53 -17.54 7.11
N THR A 260 5.15 -16.48 7.61
CA THR A 260 5.41 -16.29 9.03
C THR A 260 4.48 -15.21 9.56
N TYR A 261 3.78 -15.50 10.66
CA TYR A 261 2.80 -14.54 11.17
C TYR A 261 3.37 -13.61 12.21
N GLU A 262 2.76 -12.44 12.34
CA GLU A 262 3.07 -11.53 13.43
C GLU A 262 1.76 -10.99 14.02
N PRO A 263 1.76 -10.62 15.30
CA PRO A 263 0.57 -10.02 15.87
C PRO A 263 0.10 -8.77 15.09
N ASP A 264 -1.20 -8.54 15.13
CA ASP A 264 -1.80 -7.37 14.51
C ASP A 264 -1.55 -6.13 15.38
N VAL A 265 -1.81 -4.94 14.81
CA VAL A 265 -1.69 -3.68 15.54
CA VAL A 265 -1.68 -3.70 15.56
C VAL A 265 -2.85 -3.49 16.52
N ASP A 266 -2.55 -2.98 17.70
CA ASP A 266 -3.59 -2.55 18.62
C ASP A 266 -3.68 -1.02 18.47
N LEU A 267 -4.78 -0.52 17.91
CA LEU A 267 -4.97 0.93 17.68
C LEU A 267 -5.61 1.70 18.84
N GLY A 268 -5.78 1.04 19.99
CA GLY A 268 -6.30 1.67 21.21
C GLY A 268 -7.72 2.19 21.07
N SER A 269 -8.02 3.26 21.77
CA SER A 269 -9.39 3.76 21.80
C SER A 269 -9.38 5.21 22.22
N GLY A 270 -10.47 5.92 21.94
CA GLY A 270 -10.67 7.23 22.52
C GLY A 270 -10.36 8.36 21.55
N THR A 271 -10.80 9.54 21.94
CA THR A 271 -10.60 10.75 21.15
C THR A 271 -9.27 11.43 21.47
N ARG A 272 -8.87 12.33 20.58
CA ARG A 272 -7.72 13.21 20.80
C ARG A 272 -8.12 14.67 20.67
N ASN A 273 -7.52 15.52 21.48
CA ASN A 273 -7.68 16.98 21.34
C ASN A 273 -6.40 17.58 20.76
#